data_5RBW
#
_entry.id   5RBW
#
_cell.length_a   45.228
_cell.length_b   72.885
_cell.length_c   52.570
_cell.angle_alpha   90.000
_cell.angle_beta   109.160
_cell.angle_gamma   90.000
#
_symmetry.space_group_name_H-M   'P 1 21 1'
#
loop_
_entity.id
_entity.type
_entity.pdbx_description
1 polymer Endothiapepsin
2 non-polymer (3-methoxyphenyl)(pyrrolidin-1-yl)methanone
3 non-polymer 'DIMETHYL SULFOXIDE'
4 non-polymer GLYCEROL
5 non-polymer 'TETRAETHYLENE GLYCOL'
6 water water
#
_entity_poly.entity_id   1
_entity_poly.type   'polypeptide(L)'
_entity_poly.pdbx_seq_one_letter_code
;MSSPLKNALVTAMLAGGALSSPTKQHVGIPVNASPEVGPGKYSFKQVRNPNYKFNGPLSVKKTYLKYGVPIPAWLEDAVQ
NSTSGLAERSTGSATTTPIDSLDDAYITPVQIGTPAQTLNLDFDTGSSDLWVFSSETTASEVDGQTIYTPSKSTTAKLLS
GATWSISYGDGSSSSGDVYTDTVSVGGLTVTGQAVESAKKVSSSFTEDSTIDGLLGLAFSTLNTVSPTQQKTFFDNAKAS
LDSPVFTADLGYHAPGTYNFGFIDTTAYTGSITYTAVSTKQGFWEWTSTGYAVGSGTFKSTSIDGIADTGTTLLYLPATV
VSAYWAQVSGAKSSSSVGGYVFPCSATLPSFTFGVGSARIVIPGDYIDFGPISTGSSSCFGGIQSSAGIGINIFGDVALK
AAFVVFNGATTPTLGFASK
;
_entity_poly.pdbx_strand_id   A
#
# COMPACT_ATOMS: atom_id res chain seq x y z
N SER A 90 23.79 6.23 10.33
CA SER A 90 23.68 5.73 8.93
C SER A 90 22.34 6.16 8.34
N THR A 91 22.27 6.03 7.04
CA THR A 91 21.03 6.25 6.28
C THR A 91 20.96 5.26 5.15
N GLY A 92 19.78 5.14 4.54
CA GLY A 92 19.63 4.44 3.28
C GLY A 92 18.62 5.16 2.41
N SER A 93 18.70 4.98 1.11
CA SER A 93 17.76 5.60 0.17
C SER A 93 17.57 4.71 -1.03
N ALA A 94 16.38 4.25 -1.32
CA ALA A 94 16.13 3.32 -2.41
C ALA A 94 14.95 3.80 -3.22
N THR A 95 15.03 3.61 -4.51
CA THR A 95 13.90 3.94 -5.39
C THR A 95 12.89 2.83 -5.39
N THR A 96 11.62 3.18 -5.34
CA THR A 96 10.51 2.22 -5.42
C THR A 96 9.75 2.48 -6.70
N THR A 97 9.36 1.42 -7.41
CA THR A 97 8.89 1.48 -8.80
C THR A 97 7.55 0.77 -8.89
N PRO A 98 6.55 1.37 -9.56
N PRO A 98 6.47 1.39 -9.44
N PRO A 98 6.54 1.36 -9.54
N PRO A 98 6.47 1.38 -9.45
CA PRO A 98 5.29 0.68 -9.74
CA PRO A 98 5.22 0.66 -9.62
CA PRO A 98 5.27 0.66 -9.73
CA PRO A 98 5.22 0.64 -9.66
C PRO A 98 5.49 -0.64 -10.52
C PRO A 98 5.43 -0.59 -10.49
C PRO A 98 5.46 -0.66 -10.51
C PRO A 98 5.41 -0.63 -10.48
N ILE A 99 4.69 -1.63 -10.17
N ILE A 99 4.70 -1.64 -10.15
N ILE A 99 4.71 -1.68 -10.12
N ILE A 99 4.73 -1.70 -10.11
CA ILE A 99 4.85 -2.95 -10.84
CA ILE A 99 4.86 -2.95 -10.85
CA ILE A 99 4.85 -3.01 -10.79
CA ILE A 99 4.87 -3.01 -10.80
C ILE A 99 4.09 -2.96 -12.16
C ILE A 99 4.10 -2.95 -12.16
C ILE A 99 4.15 -2.93 -12.16
C ILE A 99 4.16 -2.93 -12.16
N ASP A 100 3.27 -1.95 -12.43
N ASP A 100 3.27 -1.95 -12.43
N ASP A 100 3.08 -2.15 -12.28
N ASP A 100 3.08 -2.15 -12.28
CA ASP A 100 2.44 -1.94 -13.64
CA ASP A 100 2.44 -1.94 -13.64
CA ASP A 100 2.22 -2.12 -13.49
CA ASP A 100 2.23 -2.12 -13.49
C ASP A 100 1.80 -0.59 -13.78
C ASP A 100 1.80 -0.59 -13.78
C ASP A 100 1.82 -0.67 -13.79
C ASP A 100 1.82 -0.67 -13.79
N SER A 101 1.04 -0.46 -14.86
CA SER A 101 0.56 0.84 -15.28
C SER A 101 -0.52 1.42 -14.36
N LEU A 102 -1.03 0.63 -13.42
N LEU A 102 -1.03 0.63 -13.42
N LEU A 102 -0.98 0.65 -13.38
N LEU A 102 -0.98 0.65 -13.38
CA LEU A 102 -2.10 1.07 -12.49
CA LEU A 102 -2.10 1.06 -12.49
CA LEU A 102 -2.06 1.09 -12.47
CA LEU A 102 -2.06 1.09 -12.47
C LEU A 102 -1.50 1.55 -11.15
C LEU A 102 -1.51 1.54 -11.16
C LEU A 102 -1.58 1.20 -11.02
C LEU A 102 -1.58 1.20 -11.02
N ASP A 103 -0.20 1.37 -10.93
N ASP A 103 -0.20 1.36 -10.92
N ASP A 103 -0.28 1.08 -10.78
N ASP A 103 -0.28 1.08 -10.78
CA ASP A 103 0.37 1.53 -9.57
CA ASP A 103 0.36 1.53 -9.56
CA ASP A 103 0.29 1.22 -9.42
CA ASP A 103 0.29 1.22 -9.42
C ASP A 103 -0.27 0.51 -8.61
C ASP A 103 -0.27 0.51 -8.60
C ASP A 103 -0.37 0.20 -8.52
C ASP A 103 -0.37 0.20 -8.51
N ASP A 104 -0.42 -0.77 -8.98
N ASP A 104 -0.42 -0.77 -8.98
N ASP A 104 -0.53 -0.98 -9.06
N ASP A 104 -0.53 -0.99 -9.05
CA ASP A 104 -1.06 -1.75 -8.05
CA ASP A 104 -1.06 -1.75 -8.05
CA ASP A 104 -1.18 -2.06 -8.30
CA ASP A 104 -1.18 -2.06 -8.29
C ASP A 104 -0.21 -2.01 -6.81
C ASP A 104 -0.21 -2.01 -6.81
C ASP A 104 -0.31 -2.37 -7.09
C ASP A 104 -0.30 -2.37 -7.07
N ALA A 105 1.08 -1.92 -6.98
N ALA A 105 1.08 -1.92 -6.98
N ALA A 105 1.01 -2.11 -7.14
N ALA A 105 1.00 -2.11 -7.14
CA ALA A 105 2.02 -2.07 -5.87
CA ALA A 105 2.01 -2.08 -5.88
CA ALA A 105 1.97 -2.28 -6.03
CA ALA A 105 1.97 -2.28 -6.03
C ALA A 105 3.31 -1.54 -6.39
C ALA A 105 3.31 -1.54 -6.39
C ALA A 105 3.27 -1.56 -6.41
C ALA A 105 3.27 -1.56 -6.41
N TYR A 106 4.26 -1.46 -5.49
CA TYR A 106 5.57 -0.88 -5.75
C TYR A 106 6.63 -1.86 -5.29
N ILE A 107 7.69 -1.97 -6.04
CA ILE A 107 8.81 -2.85 -5.69
C ILE A 107 10.09 -2.03 -5.51
N THR A 108 10.88 -2.49 -4.56
CA THR A 108 12.12 -1.82 -4.16
C THR A 108 13.20 -2.87 -4.16
N PRO A 109 14.37 -2.63 -4.76
CA PRO A 109 15.42 -3.64 -4.75
C PRO A 109 16.04 -3.74 -3.36
N VAL A 110 16.33 -4.96 -2.96
CA VAL A 110 16.89 -5.30 -1.65
C VAL A 110 18.01 -6.30 -1.86
N GLN A 111 19.18 -6.04 -1.27
CA GLN A 111 20.31 -6.95 -1.35
C GLN A 111 20.29 -7.89 -0.15
N ILE A 112 20.33 -9.17 -0.41
CA ILE A 112 20.29 -10.20 0.65
C ILE A 112 21.52 -11.10 0.44
N GLY A 113 22.26 -11.34 1.51
CA GLY A 113 23.32 -12.35 1.47
C GLY A 113 24.63 -11.84 0.94
N THR A 114 25.59 -12.79 0.90
CA THR A 114 26.97 -12.49 0.47
C THR A 114 27.44 -13.61 -0.44
N PRO A 115 27.79 -13.38 -1.70
CA PRO A 115 27.62 -12.10 -2.40
C PRO A 115 26.13 -11.73 -2.45
N ALA A 116 25.84 -10.46 -2.72
CA ALA A 116 24.46 -9.98 -2.72
C ALA A 116 23.61 -10.73 -3.73
N GLN A 117 22.42 -11.03 -3.31
CA GLN A 117 21.31 -11.50 -4.17
C GLN A 117 20.26 -10.38 -4.13
N THR A 118 19.99 -9.76 -5.25
CA THR A 118 19.05 -8.64 -5.27
C THR A 118 17.67 -9.16 -5.62
N LEU A 119 16.72 -8.93 -4.73
CA LEU A 119 15.32 -9.29 -4.93
C LEU A 119 14.50 -8.00 -4.88
N ASN A 120 13.42 -7.97 -5.60
CA ASN A 120 12.53 -6.81 -5.64
C ASN A 120 11.37 -7.05 -4.71
N LEU A 121 11.34 -6.35 -3.59
CA LEU A 121 10.37 -6.61 -2.53
C LEU A 121 9.33 -5.51 -2.45
N ASP A 122 8.15 -5.90 -1.99
CA ASP A 122 7.04 -4.99 -1.73
C ASP A 122 7.13 -4.51 -0.31
N PHE A 123 7.52 -3.26 -0.10
CA PHE A 123 7.66 -2.67 1.23
C PHE A 123 6.26 -2.41 1.78
N ASP A 124 5.94 -2.99 2.92
CA ASP A 124 4.58 -3.06 3.42
C ASP A 124 4.50 -2.55 4.83
N THR A 125 4.06 -1.30 5.02
CA THR A 125 3.90 -0.73 6.36
C THR A 125 2.70 -1.31 7.09
N GLY A 126 1.97 -2.22 6.50
CA GLY A 126 0.90 -2.96 7.16
C GLY A 126 1.24 -4.36 7.58
N SER A 127 2.47 -4.79 7.53
CA SER A 127 2.85 -6.12 8.03
C SER A 127 4.28 -6.08 8.50
N SER A 128 4.75 -7.17 9.09
CA SER A 128 6.00 -7.13 9.86
C SER A 128 6.89 -8.31 9.59
N ASP A 129 6.73 -8.95 8.46
CA ASP A 129 7.56 -10.10 8.05
C ASP A 129 8.34 -9.71 6.80
N LEU A 130 9.62 -10.04 6.76
CA LEU A 130 10.43 -9.92 5.54
C LEU A 130 10.51 -11.35 5.01
N TRP A 131 9.77 -11.64 3.97
CA TRP A 131 9.78 -12.99 3.41
C TRP A 131 10.05 -12.92 1.93
N VAL A 132 10.62 -13.99 1.42
CA VAL A 132 11.09 -14.05 0.03
C VAL A 132 10.73 -15.36 -0.60
N PHE A 133 10.50 -15.32 -1.89
CA PHE A 133 10.61 -16.51 -2.75
C PHE A 133 12.04 -17.00 -2.64
N SER A 134 12.19 -18.33 -2.64
CA SER A 134 13.47 -18.92 -2.32
C SER A 134 13.67 -20.22 -3.10
N SER A 135 14.87 -20.76 -2.92
CA SER A 135 15.20 -22.13 -3.39
C SER A 135 14.36 -23.18 -2.68
N GLU A 136 13.66 -22.85 -1.62
CA GLU A 136 12.81 -23.78 -0.85
C GLU A 136 11.39 -23.67 -1.33
N THR A 137 11.01 -22.69 -2.13
CA THR A 137 9.59 -22.52 -2.51
C THR A 137 9.19 -23.66 -3.46
N THR A 138 8.07 -24.29 -3.14
CA THR A 138 7.43 -25.33 -4.00
C THR A 138 7.56 -24.89 -5.45
N ALA A 139 8.13 -25.72 -6.33
CA ALA A 139 8.55 -25.28 -7.67
C ALA A 139 7.31 -24.85 -8.48
N SER A 140 6.18 -25.51 -8.33
CA SER A 140 4.96 -25.18 -9.09
C SER A 140 4.36 -23.84 -8.66
N GLU A 141 4.84 -23.26 -7.55
CA GLU A 141 4.35 -21.98 -7.02
C GLU A 141 5.31 -20.86 -7.37
N VAL A 142 6.35 -21.12 -8.12
CA VAL A 142 7.25 -20.05 -8.60
C VAL A 142 7.01 -19.89 -10.10
N ASP A 143 6.77 -18.68 -10.55
CA ASP A 143 6.54 -18.37 -11.98
C ASP A 143 7.17 -17.01 -12.30
N GLY A 144 8.46 -16.97 -12.46
CA GLY A 144 9.18 -15.79 -12.93
C GLY A 144 9.85 -14.99 -11.84
N GLN A 145 9.53 -15.24 -10.58
CA GLN A 145 10.16 -14.46 -9.48
C GLN A 145 11.62 -14.76 -9.39
N THR A 146 12.42 -13.84 -8.92
CA THR A 146 13.80 -14.07 -8.52
C THR A 146 13.77 -14.69 -7.13
N ILE A 147 14.55 -15.70 -6.91
CA ILE A 147 14.58 -16.41 -5.62
C ILE A 147 15.86 -16.15 -4.86
N TYR A 148 15.72 -16.17 -3.55
CA TYR A 148 16.85 -16.19 -2.62
C TYR A 148 17.31 -17.65 -2.41
N THR A 149 18.59 -17.88 -2.56
CA THR A 149 19.17 -19.21 -2.34
C THR A 149 20.14 -19.12 -1.18
N PRO A 150 19.70 -19.48 0.04
CA PRO A 150 20.58 -19.33 1.19
C PRO A 150 21.89 -20.12 1.09
N SER A 151 21.86 -21.24 0.40
CA SER A 151 23.07 -22.09 0.28
C SER A 151 24.16 -21.36 -0.49
N LYS A 152 23.84 -20.32 -1.24
CA LYS A 152 24.85 -19.57 -2.01
C LYS A 152 25.32 -18.34 -1.25
N SER A 153 24.81 -18.11 -0.05
CA SER A 153 25.20 -16.94 0.77
C SER A 153 26.12 -17.40 1.90
N THR A 154 27.30 -16.83 1.96
CA THR A 154 28.29 -17.22 2.97
C THR A 154 27.86 -16.72 4.34
N THR A 155 26.93 -15.76 4.42
CA THR A 155 26.48 -15.18 5.68
C THR A 155 25.13 -15.72 6.10
N ALA A 156 24.51 -16.58 5.34
CA ALA A 156 23.21 -17.13 5.74
C ALA A 156 23.37 -18.18 6.84
N LYS A 157 22.38 -18.30 7.69
N LYS A 157 22.50 -18.16 7.84
N LYS A 157 22.39 -18.29 7.70
N LYS A 157 22.52 -18.15 7.85
CA LYS A 157 22.42 -19.31 8.75
CA LYS A 157 22.45 -19.15 8.95
CA LYS A 157 22.43 -19.30 8.76
CA LYS A 157 22.45 -19.15 8.95
C LYS A 157 21.01 -19.61 9.16
C LYS A 157 20.99 -19.60 9.06
C LYS A 157 21.01 -19.61 9.17
C LYS A 157 20.99 -19.60 9.06
N LEU A 158 20.70 -20.90 9.09
CA LEU A 158 19.35 -21.36 9.46
C LEU A 158 19.05 -20.86 10.85
N LEU A 159 17.87 -20.32 11.05
CA LEU A 159 17.40 -19.98 12.41
C LEU A 159 16.63 -21.23 12.85
N SER A 160 17.35 -22.11 13.53
N SER A 160 17.32 -22.03 13.65
N SER A 160 17.37 -22.11 13.52
N SER A 160 17.32 -22.04 13.65
CA SER A 160 16.89 -23.49 13.72
CA SER A 160 16.92 -23.42 13.94
CA SER A 160 16.90 -23.50 13.72
CA SER A 160 16.92 -23.42 13.94
C SER A 160 15.59 -23.53 14.51
C SER A 160 15.53 -23.47 14.56
C SER A 160 15.60 -23.53 14.51
C SER A 160 15.53 -23.48 14.56
N GLY A 161 14.62 -24.24 13.97
CA GLY A 161 13.31 -24.46 14.59
C GLY A 161 12.30 -23.39 14.27
N ALA A 162 12.71 -22.29 13.67
CA ALA A 162 11.79 -21.16 13.48
C ALA A 162 10.94 -21.38 12.22
N THR A 163 9.66 -21.11 12.34
CA THR A 163 8.76 -21.15 11.19
C THR A 163 7.94 -19.89 11.20
N TRP A 164 7.27 -19.66 10.08
CA TRP A 164 6.42 -18.47 9.93
C TRP A 164 5.25 -18.85 9.02
N SER A 165 4.19 -18.09 9.19
CA SER A 165 2.96 -18.29 8.39
C SER A 165 2.13 -17.04 8.53
N ILE A 166 1.78 -16.47 7.38
CA ILE A 166 1.08 -15.18 7.37
C ILE A 166 -0.09 -15.21 6.40
N SER A 167 -1.14 -14.52 6.80
CA SER A 167 -2.36 -14.31 5.99
C SER A 167 -2.56 -12.82 5.85
N TYR A 168 -2.83 -12.33 4.68
CA TYR A 168 -3.03 -10.88 4.48
C TYR A 168 -4.52 -10.59 4.32
N GLY A 169 -4.85 -9.29 4.32
CA GLY A 169 -6.23 -8.79 4.22
C GLY A 169 -6.92 -9.17 2.93
N ASP A 170 -6.18 -9.44 1.86
CA ASP A 170 -6.73 -9.83 0.55
C ASP A 170 -6.94 -11.35 0.47
N GLY A 171 -6.70 -12.12 1.55
CA GLY A 171 -6.83 -13.58 1.51
C GLY A 171 -5.60 -14.31 1.04
N SER A 172 -4.54 -13.59 0.67
CA SER A 172 -3.30 -14.25 0.23
C SER A 172 -2.52 -14.71 1.48
N SER A 173 -1.56 -15.59 1.23
CA SER A 173 -0.79 -16.20 2.35
C SER A 173 0.51 -16.76 1.85
N SER A 174 1.40 -17.02 2.82
CA SER A 174 2.67 -17.65 2.56
C SER A 174 3.18 -18.18 3.91
N SER A 175 4.12 -19.12 3.82
CA SER A 175 4.71 -19.73 5.02
C SER A 175 6.03 -20.40 4.68
N GLY A 176 6.82 -20.68 5.73
CA GLY A 176 8.07 -21.33 5.51
C GLY A 176 8.92 -21.38 6.77
N ASP A 177 10.23 -21.37 6.50
CA ASP A 177 11.27 -21.40 7.56
C ASP A 177 12.11 -20.13 7.51
N VAL A 178 13.16 -20.03 8.31
CA VAL A 178 13.79 -18.73 8.53
C VAL A 178 15.28 -18.88 8.52
N TYR A 179 15.96 -17.95 7.88
CA TYR A 179 17.41 -17.78 7.91
C TYR A 179 17.71 -16.45 8.53
N THR A 180 18.87 -16.25 9.07
CA THR A 180 19.38 -14.90 9.28
C THR A 180 20.43 -14.62 8.25
N ASP A 181 20.48 -13.36 7.79
CA ASP A 181 21.47 -13.00 6.75
C ASP A 181 21.62 -11.50 6.78
N THR A 182 22.58 -11.04 6.01
CA THR A 182 22.79 -9.59 5.84
C THR A 182 21.85 -9.03 4.81
N VAL A 183 21.16 -7.96 5.14
CA VAL A 183 20.17 -7.34 4.24
C VAL A 183 20.51 -5.88 4.14
N SER A 184 20.55 -5.39 2.88
CA SER A 184 20.83 -3.98 2.65
C SER A 184 19.75 -3.37 1.79
N VAL A 185 19.32 -2.18 2.15
CA VAL A 185 18.34 -1.39 1.41
C VAL A 185 18.94 -0.05 1.14
N GLY A 186 19.17 0.27 -0.13
CA GLY A 186 19.60 1.64 -0.44
C GLY A 186 20.88 2.05 0.24
N GLY A 187 21.78 1.11 0.47
CA GLY A 187 23.04 1.39 1.14
C GLY A 187 23.02 1.23 2.63
N LEU A 188 21.89 0.98 3.27
CA LEU A 188 21.78 0.74 4.73
C LEU A 188 21.79 -0.76 4.98
N THR A 189 22.73 -1.23 5.78
CA THR A 189 22.91 -2.67 5.99
C THR A 189 22.54 -3.06 7.39
N VAL A 190 21.81 -4.16 7.50
CA VAL A 190 21.51 -4.83 8.77
C VAL A 190 22.13 -6.21 8.71
N THR A 191 22.93 -6.56 9.69
CA THR A 191 23.37 -7.95 9.84
C THR A 191 22.44 -8.71 10.76
N GLY A 192 22.32 -10.00 10.52
CA GLY A 192 21.47 -10.84 11.37
C GLY A 192 20.00 -10.61 11.16
N GLN A 193 19.55 -10.08 10.05
CA GLN A 193 18.14 -9.90 9.77
C GLN A 193 17.47 -11.25 9.55
N ALA A 194 16.29 -11.45 10.13
CA ALA A 194 15.50 -12.62 9.82
C ALA A 194 14.94 -12.51 8.40
N VAL A 195 15.29 -13.43 7.56
CA VAL A 195 14.85 -13.54 6.15
C VAL A 195 13.99 -14.80 6.12
N GLU A 196 12.70 -14.61 5.98
CA GLU A 196 11.72 -15.72 6.05
C GLU A 196 11.63 -16.32 4.66
N SER A 197 12.06 -17.54 4.49
CA SER A 197 12.13 -18.25 3.22
C SER A 197 10.82 -18.96 2.98
N ALA A 198 10.11 -18.65 1.90
CA ALA A 198 8.82 -19.29 1.63
C ALA A 198 9.03 -20.73 1.16
N LYS A 199 8.29 -21.61 1.80
CA LYS A 199 8.09 -22.98 1.26
C LYS A 199 6.80 -23.01 0.46
N LYS A 200 5.82 -22.24 0.81
CA LYS A 200 4.50 -22.20 0.15
C LYS A 200 4.07 -20.76 0.00
N VAL A 201 3.47 -20.43 -1.13
CA VAL A 201 2.85 -19.11 -1.32
C VAL A 201 1.49 -19.36 -1.98
N SER A 202 0.57 -18.49 -1.78
CA SER A 202 -0.77 -18.63 -2.41
C SER A 202 -0.72 -18.13 -3.84
N SER A 203 -1.79 -18.41 -4.57
CA SER A 203 -1.84 -18.23 -6.03
C SER A 203 -1.59 -16.76 -6.41
N SER A 204 -2.06 -15.81 -5.63
CA SER A 204 -1.91 -14.39 -5.97
C SER A 204 -0.41 -14.05 -6.01
N PHE A 205 0.41 -14.64 -5.12
CA PHE A 205 1.84 -14.37 -5.17
C PHE A 205 2.46 -15.02 -6.37
N THR A 206 2.15 -16.28 -6.65
CA THR A 206 2.71 -16.98 -7.81
C THR A 206 2.43 -16.21 -9.10
N GLU A 207 1.23 -15.70 -9.20
CA GLU A 207 0.73 -15.06 -10.45
C GLU A 207 1.37 -13.70 -10.60
N ASP A 208 1.99 -13.12 -9.59
CA ASP A 208 2.64 -11.81 -9.72
C ASP A 208 4.14 -11.99 -9.85
N SER A 209 4.64 -12.11 -11.04
CA SER A 209 6.06 -12.40 -11.32
C SER A 209 6.98 -11.26 -10.91
N THR A 210 6.44 -10.07 -10.69
CA THR A 210 7.22 -8.87 -10.41
C THR A 210 7.57 -8.72 -8.96
N ILE A 211 6.93 -9.43 -8.06
CA ILE A 211 7.15 -9.27 -6.61
C ILE A 211 7.84 -10.50 -6.08
N ASP A 212 9.08 -10.35 -5.57
CA ASP A 212 9.90 -11.46 -5.09
C ASP A 212 9.73 -11.71 -3.61
N GLY A 213 8.88 -10.94 -2.94
CA GLY A 213 8.63 -11.07 -1.51
C GLY A 213 8.23 -9.75 -0.94
N LEU A 214 8.05 -9.72 0.37
CA LEU A 214 7.57 -8.55 1.12
C LEU A 214 8.63 -8.14 2.12
N LEU A 215 8.70 -6.86 2.41
CA LEU A 215 9.52 -6.34 3.51
C LEU A 215 8.60 -5.58 4.42
N GLY A 216 8.27 -6.13 5.57
CA GLY A 216 7.32 -5.53 6.48
C GLY A 216 7.93 -4.39 7.29
N LEU A 217 7.14 -3.33 7.43
CA LEU A 217 7.56 -2.10 8.12
C LEU A 217 6.55 -1.67 9.15
N ALA A 218 5.59 -2.51 9.51
CA ALA A 218 4.73 -2.27 10.69
C ALA A 218 5.53 -2.65 11.95
N PHE A 219 4.87 -2.65 13.09
CA PHE A 219 5.60 -2.89 14.35
C PHE A 219 5.92 -4.38 14.50
N SER A 220 7.04 -4.66 15.14
CA SER A 220 7.56 -6.05 15.21
C SER A 220 6.64 -6.94 16.02
N THR A 221 5.75 -6.41 16.83
CA THR A 221 4.70 -7.17 17.53
C THR A 221 3.85 -7.99 16.59
N LEU A 222 3.76 -7.61 15.30
CA LEU A 222 2.98 -8.42 14.33
C LEU A 222 3.78 -9.50 13.63
N ASN A 223 5.09 -9.59 13.86
CA ASN A 223 5.90 -10.57 13.13
C ASN A 223 5.45 -12.00 13.45
N THR A 224 5.34 -12.84 12.47
CA THR A 224 4.72 -14.18 12.66
C THR A 224 5.74 -15.25 13.00
N VAL A 225 7.01 -14.98 13.11
CA VAL A 225 7.97 -16.07 13.37
C VAL A 225 7.73 -16.68 14.75
N SER A 226 7.72 -18.01 14.78
CA SER A 226 7.51 -18.82 15.99
C SER A 226 8.66 -19.82 16.06
N PRO A 227 9.13 -20.16 17.27
CA PRO A 227 8.66 -19.69 18.56
C PRO A 227 9.25 -18.41 19.08
N THR A 228 10.19 -17.84 18.33
CA THR A 228 10.91 -16.64 18.72
C THR A 228 10.55 -15.56 17.71
N GLN A 229 9.73 -14.59 18.10
CA GLN A 229 9.32 -13.51 17.20
C GLN A 229 10.55 -12.72 16.80
N GLN A 230 10.56 -12.26 15.53
CA GLN A 230 11.70 -11.53 14.96
C GLN A 230 11.37 -10.06 14.73
N LYS A 231 12.43 -9.27 14.64
CA LYS A 231 12.31 -7.83 14.36
C LYS A 231 12.29 -7.51 12.88
N THR A 232 11.59 -6.43 12.56
CA THR A 232 11.62 -5.89 11.19
C THR A 232 13.00 -5.30 10.86
N PHE A 233 13.21 -5.12 9.58
CA PHE A 233 14.43 -4.45 9.08
C PHE A 233 14.56 -3.09 9.74
N PHE A 234 13.47 -2.34 9.82
CA PHE A 234 13.53 -0.99 10.44
C PHE A 234 13.89 -1.08 11.92
N ASP A 235 13.25 -1.98 12.63
CA ASP A 235 13.56 -2.12 14.07
C ASP A 235 15.01 -2.52 14.24
N ASN A 236 15.56 -3.42 13.46
CA ASN A 236 16.99 -3.76 13.56
C ASN A 236 17.87 -2.61 13.15
N ALA A 237 17.51 -1.79 12.20
CA ALA A 237 18.34 -0.66 11.75
C ALA A 237 18.31 0.53 12.69
N LYS A 238 17.25 0.75 13.46
N LYS A 238 17.27 0.63 13.48
N LYS A 238 17.25 0.74 13.45
N LYS A 238 17.27 0.63 13.48
CA LYS A 238 16.91 2.13 13.92
CA LYS A 238 16.85 1.91 14.10
CA LYS A 238 16.90 2.12 13.93
CA LYS A 238 16.85 1.93 14.10
C LYS A 238 17.84 2.63 15.04
C LYS A 238 17.99 2.56 14.88
C LYS A 238 17.85 2.63 15.02
C LYS A 238 18.00 2.56 14.87
N ALA A 239 18.64 1.78 15.72
CA ALA A 239 19.65 2.31 16.65
C ALA A 239 20.81 2.91 15.86
N SER A 240 21.09 2.43 14.66
CA SER A 240 22.22 2.85 13.81
C SER A 240 21.85 4.07 12.97
N LEU A 241 20.57 4.37 12.83
CA LEU A 241 20.13 5.44 11.92
C LEU A 241 20.45 6.80 12.49
N ASP A 242 20.64 7.76 11.65
CA ASP A 242 20.86 9.13 12.12
C ASP A 242 19.66 9.64 12.89
N SER A 243 18.46 9.28 12.48
N SER A 243 18.47 9.34 12.38
N SER A 243 18.45 9.29 12.47
N SER A 243 18.47 9.34 12.38
CA SER A 243 17.16 9.64 13.10
CA SER A 243 17.18 9.56 13.07
CA SER A 243 17.16 9.65 13.10
CA SER A 243 17.19 9.55 13.10
C SER A 243 16.28 8.41 12.95
C SER A 243 16.34 8.28 12.98
C SER A 243 16.29 8.40 12.95
C SER A 243 16.34 8.28 12.98
N PRO A 244 15.48 8.03 13.97
CA PRO A 244 14.74 6.79 13.95
C PRO A 244 13.46 6.87 13.12
N VAL A 245 13.63 7.05 11.82
CA VAL A 245 12.52 7.36 10.92
C VAL A 245 12.74 6.64 9.61
N PHE A 246 11.64 6.44 8.87
CA PHE A 246 11.73 6.17 7.45
C PHE A 246 10.64 6.98 6.78
N THR A 247 10.78 7.25 5.49
CA THR A 247 9.81 8.04 4.75
C THR A 247 9.41 7.29 3.50
N ALA A 248 8.15 7.45 3.15
CA ALA A 248 7.58 6.91 1.91
C ALA A 248 7.18 8.04 1.02
N ASP A 249 7.69 8.04 -0.19
CA ASP A 249 7.40 9.04 -1.18
C ASP A 249 7.01 8.33 -2.46
N LEU A 250 5.77 7.84 -2.52
CA LEU A 250 5.34 6.98 -3.63
C LEU A 250 4.94 7.86 -4.78
N GLY A 251 5.24 7.44 -6.00
CA GLY A 251 4.87 8.14 -7.21
C GLY A 251 3.54 7.75 -7.78
N TYR A 252 2.91 8.65 -8.46
CA TYR A 252 1.72 8.39 -9.28
C TYR A 252 2.21 8.05 -10.68
N HIS A 253 2.05 6.81 -11.06
CA HIS A 253 2.49 6.31 -12.38
C HIS A 253 3.93 6.72 -12.60
N ALA A 254 4.78 6.55 -11.57
CA ALA A 254 6.17 6.98 -11.64
C ALA A 254 6.90 6.39 -10.45
N PRO A 255 8.21 6.26 -10.52
CA PRO A 255 9.00 5.83 -9.37
C PRO A 255 8.94 6.88 -8.26
N GLY A 256 9.26 6.40 -7.07
CA GLY A 256 9.39 7.22 -5.86
C GLY A 256 10.50 6.71 -5.01
N THR A 257 10.49 7.01 -3.71
CA THR A 257 11.63 6.77 -2.85
C THR A 257 11.21 6.33 -1.47
N TYR A 258 11.92 5.37 -0.91
CA TYR A 258 11.94 5.07 0.51
C TYR A 258 13.26 5.50 1.06
N ASN A 259 13.24 6.35 2.06
CA ASN A 259 14.46 6.76 2.77
C ASN A 259 14.42 6.28 4.19
N PHE A 260 15.56 5.92 4.73
CA PHE A 260 15.73 5.46 6.11
C PHE A 260 16.74 6.35 6.80
N GLY A 261 16.34 6.92 7.93
CA GLY A 261 17.27 7.62 8.81
C GLY A 261 17.34 9.08 8.59
N PHE A 262 16.61 9.68 7.66
CA PHE A 262 16.66 11.12 7.43
C PHE A 262 15.41 11.53 6.72
N ILE A 263 15.11 12.80 6.81
N ILE A 263 15.05 12.80 6.92
N ILE A 263 15.11 12.80 6.81
N ILE A 263 15.05 12.79 6.93
CA ILE A 263 13.92 13.40 6.17
CA ILE A 263 14.06 13.57 6.11
CA ILE A 263 13.92 13.41 6.16
CA ILE A 263 14.05 13.56 6.13
C ILE A 263 14.45 14.37 5.11
C ILE A 263 14.73 14.31 4.98
C ILE A 263 14.45 14.38 5.10
C ILE A 263 14.72 14.30 4.99
N ASP A 264 14.23 14.06 3.79
CA ASP A 264 14.71 14.85 2.65
C ASP A 264 13.84 16.07 2.52
N THR A 265 14.36 17.21 3.01
CA THR A 265 13.56 18.46 3.05
C THR A 265 13.32 18.96 1.64
N THR A 266 13.94 18.45 0.61
CA THR A 266 13.69 18.84 -0.80
C THR A 266 12.53 18.07 -1.41
N ALA A 267 12.01 17.04 -0.74
CA ALA A 267 11.07 16.08 -1.35
C ALA A 267 9.63 16.48 -1.11
N TYR A 268 9.36 17.57 -0.42
CA TYR A 268 7.97 17.97 -0.12
C TYR A 268 7.86 19.49 -0.14
N THR A 269 6.66 19.97 -0.22
CA THR A 269 6.35 21.41 -0.20
C THR A 269 5.72 21.75 1.13
N GLY A 270 5.83 23.02 1.55
CA GLY A 270 5.25 23.45 2.81
C GLY A 270 5.87 22.74 4.00
N SER A 271 5.07 22.47 5.01
N SER A 271 5.04 22.50 5.01
N SER A 271 5.06 22.47 5.01
N SER A 271 5.04 22.50 5.01
CA SER A 271 5.56 21.85 6.25
CA SER A 271 5.43 21.88 6.30
CA SER A 271 5.55 21.86 6.26
CA SER A 271 5.43 21.88 6.30
C SER A 271 4.94 20.45 6.41
C SER A 271 4.96 20.43 6.36
C SER A 271 4.94 20.45 6.41
C SER A 271 4.96 20.43 6.36
N ILE A 272 5.56 19.67 7.25
CA ILE A 272 5.10 18.33 7.60
C ILE A 272 4.20 18.47 8.81
N THR A 273 3.00 17.91 8.78
CA THR A 273 2.10 17.88 9.93
C THR A 273 2.17 16.53 10.56
N TYR A 274 2.55 16.45 11.82
CA TYR A 274 2.66 15.20 12.54
C TYR A 274 1.40 14.90 13.31
N THR A 275 1.07 13.66 13.47
CA THR A 275 -0.16 13.20 14.14
C THR A 275 0.16 11.96 14.94
N ALA A 276 -0.60 11.75 16.00
CA ALA A 276 -0.35 10.66 16.92
C ALA A 276 -0.60 9.28 16.30
N VAL A 277 0.14 8.32 16.77
CA VAL A 277 0.02 6.92 16.34
C VAL A 277 -0.34 6.06 17.53
N SER A 278 -1.25 5.16 17.36
CA SER A 278 -1.47 4.05 18.30
C SER A 278 -0.80 2.81 17.74
N THR A 279 0.00 2.16 18.55
CA THR A 279 0.64 0.87 18.18
C THR A 279 -0.14 -0.30 18.75
N LYS A 280 -1.33 -0.07 19.30
CA LYS A 280 -2.06 -1.15 20.00
C LYS A 280 -2.36 -2.35 19.11
N GLN A 281 -2.59 -2.16 17.81
CA GLN A 281 -2.89 -3.27 16.91
C GLN A 281 -1.64 -3.62 16.08
N GLY A 282 -0.51 -2.99 16.36
CA GLY A 282 0.74 -3.27 15.63
C GLY A 282 0.89 -2.52 14.34
N PHE A 283 -0.02 -1.63 14.03
CA PHE A 283 -0.01 -0.86 12.78
C PHE A 283 0.39 0.58 13.06
N TRP A 284 0.68 1.30 11.97
CA TRP A 284 0.82 2.77 12.00
C TRP A 284 -0.59 3.33 11.94
N GLU A 285 -1.28 3.30 13.08
CA GLU A 285 -2.71 3.65 13.19
C GLU A 285 -2.83 5.08 13.67
N TRP A 286 -3.63 5.86 13.02
CA TRP A 286 -3.75 7.30 13.28
C TRP A 286 -5.19 7.69 13.07
N THR A 287 -5.52 8.93 13.34
CA THR A 287 -6.89 9.45 13.16
C THR A 287 -6.89 10.67 12.28
N SER A 288 -7.46 10.52 11.08
CA SER A 288 -7.68 11.66 10.19
C SER A 288 -8.76 12.55 10.78
N THR A 289 -8.68 13.82 10.49
CA THR A 289 -9.59 14.83 11.02
C THR A 289 -10.77 15.09 10.10
N GLY A 290 -10.85 14.48 8.92
CA GLY A 290 -12.06 14.60 8.11
C GLY A 290 -11.77 14.52 6.64
N TYR A 291 -12.72 14.95 5.83
CA TYR A 291 -12.57 14.78 4.39
C TYR A 291 -13.36 15.81 3.64
N ALA A 292 -13.03 15.96 2.40
CA ALA A 292 -13.87 16.73 1.45
C ALA A 292 -13.89 15.97 0.13
N VAL A 293 -14.96 16.17 -0.63
CA VAL A 293 -15.10 15.59 -1.98
C VAL A 293 -15.01 16.70 -2.98
N GLY A 294 -14.08 16.65 -3.89
CA GLY A 294 -13.93 17.70 -4.88
C GLY A 294 -13.77 19.03 -4.24
N SER A 295 -14.52 20.01 -4.75
N SER A 295 -14.53 20.03 -4.72
N SER A 295 -14.52 20.01 -4.75
N SER A 295 -14.52 20.03 -4.73
CA SER A 295 -14.48 21.40 -4.25
CA SER A 295 -14.50 21.42 -4.24
CA SER A 295 -14.47 21.40 -4.24
CA SER A 295 -14.48 21.43 -4.22
C SER A 295 -15.47 21.59 -3.10
C SER A 295 -15.35 21.59 -2.98
C SER A 295 -15.48 21.59 -3.11
C SER A 295 -15.35 21.59 -2.98
N GLY A 296 -16.07 20.54 -2.55
CA GLY A 296 -17.03 20.65 -1.47
C GLY A 296 -16.42 21.03 -0.14
N THR A 297 -17.32 21.31 0.77
CA THR A 297 -16.99 21.71 2.13
C THR A 297 -16.23 20.57 2.83
N PHE A 298 -15.32 20.91 3.68
CA PHE A 298 -14.64 19.91 4.48
C PHE A 298 -15.56 19.47 5.61
N LYS A 299 -15.69 18.16 5.82
CA LYS A 299 -16.46 17.55 6.89
C LYS A 299 -15.49 17.17 7.99
N SER A 300 -15.59 17.80 9.14
CA SER A 300 -14.77 17.48 10.32
C SER A 300 -15.31 16.23 10.96
N THR A 301 -14.57 15.15 10.97
CA THR A 301 -15.01 13.89 11.53
C THR A 301 -13.79 13.04 11.77
N SER A 302 -13.69 12.35 12.85
CA SER A 302 -12.53 11.49 13.16
C SER A 302 -12.61 10.20 12.39
N ILE A 303 -11.57 9.85 11.64
CA ILE A 303 -11.52 8.57 10.89
C ILE A 303 -10.27 7.87 11.30
N ASP A 304 -10.37 6.89 12.18
N ASP A 304 -10.39 6.80 12.05
N ASP A 304 -10.36 6.89 12.18
N ASP A 304 -10.39 6.79 12.05
CA ASP A 304 -9.23 6.03 12.54
CA ASP A 304 -9.22 6.04 12.54
CA ASP A 304 -9.24 6.03 12.55
CA ASP A 304 -9.23 6.03 12.55
C ASP A 304 -8.86 5.22 11.31
C ASP A 304 -8.83 5.01 11.48
C ASP A 304 -8.86 5.22 11.31
C ASP A 304 -8.83 5.00 11.49
N GLY A 305 -7.57 5.00 11.07
CA GLY A 305 -7.17 4.07 10.05
C GLY A 305 -5.68 3.83 10.10
N ILE A 306 -5.19 3.04 9.18
CA ILE A 306 -3.76 2.72 9.18
C ILE A 306 -3.10 3.24 7.92
N ALA A 307 -1.85 3.64 8.01
CA ALA A 307 -1.03 4.02 6.86
C ALA A 307 -0.38 2.77 6.34
N ASP A 308 -0.80 2.26 5.17
CA ASP A 308 -0.43 0.92 4.68
C ASP A 308 0.08 0.95 3.26
N THR A 309 1.38 0.99 3.07
CA THR A 309 1.96 1.01 1.75
C THR A 309 1.71 -0.26 0.97
N GLY A 310 1.39 -1.33 1.63
CA GLY A 310 1.13 -2.62 1.00
C GLY A 310 -0.29 -2.82 0.55
N THR A 311 -1.16 -1.84 0.72
CA THR A 311 -2.54 -1.88 0.22
C THR A 311 -2.66 -0.89 -0.88
N THR A 312 -3.24 -1.32 -2.01
N THR A 312 -3.24 -1.32 -2.01
N THR A 312 -3.25 -1.28 -2.00
N THR A 312 -3.25 -1.28 -2.00
CA THR A 312 -3.31 -0.48 -3.24
CA THR A 312 -3.31 -0.48 -3.24
CA THR A 312 -3.28 -0.36 -3.16
CA THR A 312 -3.28 -0.37 -3.16
C THR A 312 -4.21 0.76 -3.06
C THR A 312 -4.21 0.76 -3.06
C THR A 312 -4.30 0.76 -2.95
C THR A 312 -4.30 0.76 -2.95
N LEU A 313 -5.39 0.51 -2.51
N LEU A 313 -5.39 0.51 -2.51
N LEU A 313 -5.50 0.42 -2.51
N LEU A 313 -5.50 0.42 -2.51
CA LEU A 313 -6.50 1.50 -2.56
CA LEU A 313 -6.50 1.50 -2.56
CA LEU A 313 -6.62 1.37 -2.51
CA LEU A 313 -6.63 1.38 -2.51
C LEU A 313 -6.72 2.19 -1.19
C LEU A 313 -6.72 2.19 -1.19
C LEU A 313 -6.79 2.11 -1.17
C LEU A 313 -6.80 2.10 -1.18
N LEU A 314 -7.68 3.11 -1.19
CA LEU A 314 -8.08 3.84 0.00
C LEU A 314 -9.42 3.25 0.45
N TYR A 315 -9.45 2.64 1.64
CA TYR A 315 -10.65 2.01 2.20
C TYR A 315 -11.18 2.84 3.37
N LEU A 316 -12.38 3.36 3.25
CA LEU A 316 -12.93 4.30 4.24
C LEU A 316 -14.34 3.90 4.58
N PRO A 317 -14.94 4.50 5.61
CA PRO A 317 -16.27 4.10 6.00
C PRO A 317 -17.27 4.27 4.86
N ALA A 318 -18.32 3.47 4.88
CA ALA A 318 -19.30 3.47 3.79
C ALA A 318 -19.95 4.82 3.60
N THR A 319 -20.18 5.57 4.67
CA THR A 319 -20.77 6.91 4.54
C THR A 319 -19.88 7.80 3.68
N VAL A 320 -18.58 7.79 3.96
CA VAL A 320 -17.62 8.66 3.27
C VAL A 320 -17.53 8.26 1.83
N VAL A 321 -17.44 6.97 1.57
CA VAL A 321 -17.28 6.45 0.22
C VAL A 321 -18.53 6.74 -0.61
N SER A 322 -19.72 6.56 0.00
CA SER A 322 -20.96 6.87 -0.71
C SER A 322 -20.99 8.36 -1.08
N ALA A 323 -20.59 9.23 -0.20
CA ALA A 323 -20.56 10.66 -0.47
C ALA A 323 -19.62 10.98 -1.61
N TYR A 324 -18.50 10.28 -1.73
CA TYR A 324 -17.58 10.51 -2.85
C TYR A 324 -18.21 10.06 -4.16
N TRP A 325 -18.67 8.82 -4.24
CA TRP A 325 -19.13 8.28 -5.52
C TRP A 325 -20.47 8.89 -5.95
N ALA A 326 -21.22 9.47 -5.04
CA ALA A 326 -22.46 10.18 -5.40
C ALA A 326 -22.13 11.37 -6.31
N GLN A 327 -20.90 11.85 -6.32
CA GLN A 327 -20.53 12.99 -7.18
C GLN A 327 -20.07 12.52 -8.53
N VAL A 328 -20.16 11.26 -8.87
CA VAL A 328 -19.73 10.74 -10.17
C VAL A 328 -20.96 10.12 -10.83
N SER A 329 -21.35 10.70 -11.98
N SER A 329 -21.47 10.75 -11.88
N SER A 329 -21.34 10.70 -11.98
N SER A 329 -21.49 10.75 -11.88
CA SER A 329 -22.51 10.25 -12.79
CA SER A 329 -22.71 10.25 -12.54
CA SER A 329 -22.50 10.24 -12.80
CA SER A 329 -22.69 10.24 -12.57
C SER A 329 -22.37 8.77 -13.14
C SER A 329 -22.43 8.86 -13.07
C SER A 329 -22.37 8.76 -13.14
C SER A 329 -22.41 8.83 -13.07
N GLY A 330 -23.33 7.94 -12.76
CA GLY A 330 -23.32 6.57 -13.16
C GLY A 330 -22.47 5.68 -12.28
N ALA A 331 -21.83 6.18 -11.22
CA ALA A 331 -21.07 5.31 -10.32
C ALA A 331 -22.01 4.48 -9.47
N LYS A 332 -21.62 3.28 -9.14
CA LYS A 332 -22.44 2.39 -8.34
C LYS A 332 -21.55 1.37 -7.70
N SER A 333 -22.06 0.80 -6.61
CA SER A 333 -21.40 -0.33 -5.99
C SER A 333 -21.88 -1.59 -6.66
N SER A 334 -21.01 -2.39 -7.16
CA SER A 334 -21.27 -3.65 -7.86
C SER A 334 -20.82 -4.83 -6.97
N SER A 335 -21.77 -5.63 -6.48
N SER A 335 -21.80 -5.60 -6.51
N SER A 335 -21.78 -5.61 -6.49
N SER A 335 -21.81 -5.59 -6.51
CA SER A 335 -21.44 -6.87 -5.72
CA SER A 335 -21.59 -6.87 -5.76
CA SER A 335 -21.54 -6.88 -5.75
CA SER A 335 -21.64 -6.87 -5.77
C SER A 335 -20.77 -7.88 -6.66
C SER A 335 -20.83 -7.85 -6.65
C SER A 335 -20.79 -7.86 -6.65
C SER A 335 -20.85 -7.86 -6.64
N SER A 336 -21.12 -7.88 -7.95
CA SER A 336 -20.46 -8.81 -8.92
C SER A 336 -18.96 -8.48 -9.10
N VAL A 337 -18.63 -7.19 -9.16
N VAL A 337 -18.63 -7.19 -9.16
N VAL A 337 -18.63 -7.19 -9.14
N VAL A 337 -18.62 -7.19 -9.14
CA VAL A 337 -17.25 -6.77 -9.49
CA VAL A 337 -17.25 -6.77 -9.49
CA VAL A 337 -17.20 -6.74 -9.25
CA VAL A 337 -17.20 -6.74 -9.25
C VAL A 337 -16.39 -6.75 -8.23
C VAL A 337 -16.39 -6.75 -8.23
C VAL A 337 -16.61 -6.68 -7.84
C VAL A 337 -16.61 -6.68 -7.84
N GLY A 338 -17.00 -6.39 -7.09
N GLY A 338 -17.00 -6.39 -7.09
N GLY A 338 -17.42 -6.37 -6.83
N GLY A 338 -17.42 -6.38 -6.82
CA GLY A 338 -16.31 -6.30 -5.80
CA GLY A 338 -16.31 -6.30 -5.80
CA GLY A 338 -17.01 -6.32 -5.41
CA GLY A 338 -17.02 -6.33 -5.41
C GLY A 338 -16.02 -4.86 -5.34
C GLY A 338 -16.03 -4.87 -5.34
C GLY A 338 -16.56 -4.95 -4.96
C GLY A 338 -16.57 -4.95 -4.96
N GLY A 339 -16.80 -3.89 -5.80
N GLY A 339 -16.80 -3.89 -5.80
N GLY A 339 -17.20 -3.90 -5.45
N GLY A 339 -17.20 -3.90 -5.45
CA GLY A 339 -16.98 -2.58 -5.11
CA GLY A 339 -16.98 -2.58 -5.11
CA GLY A 339 -16.56 -2.60 -5.26
CA GLY A 339 -16.57 -2.60 -5.25
C GLY A 339 -17.56 -1.53 -6.04
C GLY A 339 -17.56 -1.53 -6.04
C GLY A 339 -17.21 -1.64 -6.18
C GLY A 339 -17.23 -1.64 -6.18
N TYR A 340 -17.21 -0.28 -5.80
N TYR A 340 -17.21 -0.28 -5.80
N TYR A 340 -17.01 -0.39 -5.88
N TYR A 340 -17.01 -0.37 -5.88
CA TYR A 340 -17.66 0.83 -6.65
CA TYR A 340 -17.66 0.83 -6.65
CA TYR A 340 -17.48 0.74 -6.70
CA TYR A 340 -17.48 0.75 -6.71
C TYR A 340 -16.92 0.83 -7.98
C TYR A 340 -16.92 0.83 -7.98
C TYR A 340 -16.79 0.68 -8.06
C TYR A 340 -16.79 0.69 -8.06
N VAL A 341 -17.77 1.02 -8.98
N VAL A 341 -17.77 1.02 -8.98
N VAL A 341 -17.62 0.83 -9.09
N VAL A 341 -17.61 0.84 -9.08
CA VAL A 341 -17.39 1.14 -10.41
CA VAL A 341 -17.39 1.14 -10.40
CA VAL A 341 -17.21 1.06 -10.48
CA VAL A 341 -17.20 1.07 -10.49
C VAL A 341 -17.98 2.45 -10.90
C VAL A 341 -17.98 2.45 -10.90
C VAL A 341 -17.89 2.34 -11.00
C VAL A 341 -17.89 2.34 -11.00
N PHE A 342 -17.50 2.83 -12.07
N PHE A 342 -17.49 2.84 -12.06
N PHE A 342 -17.23 2.97 -11.96
N PHE A 342 -17.22 2.98 -11.96
CA PHE A 342 -17.96 4.10 -12.61
CA PHE A 342 -17.97 4.11 -12.61
CA PHE A 342 -17.69 4.25 -12.54
CA PHE A 342 -17.69 4.25 -12.54
C PHE A 342 -17.63 4.12 -14.09
C PHE A 342 -17.63 4.12 -14.09
C PHE A 342 -17.65 4.13 -14.06
C PHE A 342 -17.65 4.13 -14.06
N PRO A 343 -18.38 4.95 -14.83
CA PRO A 343 -18.17 4.98 -16.27
C PRO A 343 -16.78 5.48 -16.60
N CYS A 344 -16.11 4.76 -17.52
CA CYS A 344 -14.79 5.17 -17.90
C CYS A 344 -14.78 6.56 -18.55
N SER A 345 -15.90 7.04 -19.01
CA SER A 345 -16.04 8.40 -19.58
C SER A 345 -16.03 9.48 -18.53
N ALA A 346 -16.07 9.16 -17.24
CA ALA A 346 -16.16 10.18 -16.18
C ALA A 346 -14.85 10.86 -16.00
N THR A 347 -14.95 12.11 -15.52
CA THR A 347 -13.87 12.84 -14.85
C THR A 347 -14.08 12.77 -13.34
N LEU A 348 -13.14 12.20 -12.60
CA LEU A 348 -13.34 11.99 -11.16
C LEU A 348 -12.99 13.25 -10.37
N PRO A 349 -13.72 13.54 -9.32
CA PRO A 349 -13.35 14.60 -8.40
C PRO A 349 -12.17 14.19 -7.53
N SER A 350 -11.48 15.17 -7.00
CA SER A 350 -10.45 14.93 -6.00
C SER A 350 -11.09 14.48 -4.68
N PHE A 351 -10.26 13.98 -3.80
CA PHE A 351 -10.65 13.61 -2.44
C PHE A 351 -9.63 14.20 -1.49
N THR A 352 -10.07 14.94 -0.49
CA THR A 352 -9.17 15.54 0.50
C THR A 352 -9.32 14.82 1.81
N PHE A 353 -8.22 14.50 2.48
CA PHE A 353 -8.28 14.01 3.87
C PHE A 353 -7.51 14.92 4.80
N GLY A 354 -7.98 15.01 6.02
CA GLY A 354 -7.35 15.87 7.03
C GLY A 354 -6.29 15.16 7.82
N VAL A 355 -5.21 15.91 8.10
CA VAL A 355 -4.13 15.51 9.01
C VAL A 355 -3.98 16.65 9.98
N GLY A 356 -4.55 16.53 11.17
CA GLY A 356 -4.65 17.72 12.04
C GLY A 356 -5.36 18.80 11.29
N SER A 357 -4.84 20.02 11.34
N SER A 357 -4.78 20.00 11.33
N SER A 357 -4.86 20.04 11.33
N SER A 357 -4.76 19.98 11.31
CA SER A 357 -5.39 21.18 10.61
CA SER A 357 -5.31 21.20 10.65
CA SER A 357 -5.42 21.18 10.58
CA SER A 357 -5.32 21.18 10.66
C SER A 357 -4.96 21.20 9.14
C SER A 357 -4.94 21.22 9.17
C SER A 357 -4.97 21.20 9.11
C SER A 357 -4.92 21.24 9.18
N ALA A 358 -4.07 20.32 8.72
CA ALA A 358 -3.60 20.26 7.35
C ALA A 358 -4.51 19.38 6.48
N ARG A 359 -4.31 19.49 5.20
CA ARG A 359 -5.17 18.81 4.21
C ARG A 359 -4.29 18.17 3.17
N ILE A 360 -4.53 16.92 2.79
CA ILE A 360 -3.84 16.27 1.67
C ILE A 360 -4.90 16.05 0.60
N VAL A 361 -4.60 16.50 -0.59
CA VAL A 361 -5.55 16.35 -1.72
C VAL A 361 -5.10 15.25 -2.63
N ILE A 362 -5.97 14.27 -2.83
CA ILE A 362 -5.76 13.18 -3.79
C ILE A 362 -6.42 13.62 -5.09
N PRO A 363 -5.66 13.85 -6.16
CA PRO A 363 -6.29 14.21 -7.44
C PRO A 363 -7.23 13.11 -7.88
N GLY A 364 -8.26 13.51 -8.66
CA GLY A 364 -9.20 12.53 -9.18
C GLY A 364 -8.55 11.44 -9.99
N ASP A 365 -7.52 11.81 -10.74
N ASP A 365 -7.51 11.71 -10.80
N ASP A 365 -7.52 11.81 -10.74
N ASP A 365 -7.52 11.72 -10.80
CA ASP A 365 -6.84 10.84 -11.60
CA ASP A 365 -6.96 10.61 -11.63
CA ASP A 365 -6.87 10.84 -11.62
CA ASP A 365 -6.97 10.61 -11.63
C ASP A 365 -6.32 9.65 -10.80
C ASP A 365 -6.23 9.57 -10.77
C ASP A 365 -6.31 9.67 -10.80
C ASP A 365 -6.24 9.57 -10.78
N TYR A 366 -5.90 9.91 -9.55
CA TYR A 366 -5.31 8.86 -8.70
C TYR A 366 -6.36 7.81 -8.32
N ILE A 367 -7.63 8.14 -8.46
CA ILE A 367 -8.73 7.29 -8.01
C ILE A 367 -9.22 6.40 -9.16
N ASP A 368 -8.61 6.53 -10.34
N ASP A 368 -8.60 6.54 -10.34
N ASP A 368 -8.72 6.62 -10.38
N ASP A 368 -8.73 6.63 -10.38
CA ASP A 368 -8.93 5.70 -11.52
CA ASP A 368 -8.93 5.69 -11.51
CA ASP A 368 -9.20 5.86 -11.56
CA ASP A 368 -9.22 5.87 -11.57
C ASP A 368 -8.06 4.44 -11.57
C ASP A 368 -8.05 4.45 -11.56
C ASP A 368 -8.28 4.65 -11.76
C ASP A 368 -8.31 4.66 -11.78
N PHE A 369 -8.70 3.29 -11.43
N PHE A 369 -8.70 3.29 -11.43
N PHE A 369 -8.80 3.44 -11.55
N PHE A 369 -8.82 3.45 -11.55
CA PHE A 369 -8.02 1.99 -11.55
CA PHE A 369 -8.01 1.99 -11.54
CA PHE A 369 -8.02 2.21 -11.79
CA PHE A 369 -8.01 2.22 -11.78
C PHE A 369 -8.44 1.25 -12.81
C PHE A 369 -8.44 1.25 -12.81
C PHE A 369 -8.33 1.53 -13.12
C PHE A 369 -8.34 1.54 -13.12
N GLY A 370 -8.97 1.98 -13.80
N GLY A 370 -8.96 1.97 -13.79
N GLY A 370 -9.10 2.22 -13.97
N GLY A 370 -9.11 2.22 -13.96
CA GLY A 370 -9.05 1.46 -15.15
CA GLY A 370 -9.05 1.46 -15.15
CA GLY A 370 -9.29 1.83 -15.36
CA GLY A 370 -9.30 1.84 -15.36
C GLY A 370 -10.17 0.44 -15.30
C GLY A 370 -10.17 0.44 -15.30
C GLY A 370 -10.25 0.66 -15.47
C GLY A 370 -10.25 0.67 -15.48
N PRO A 371 -10.33 -0.06 -16.54
N PRO A 371 -10.33 -0.06 -16.54
N PRO A 371 -10.37 0.17 -16.72
N PRO A 371 -10.39 0.17 -16.72
CA PRO A 371 -11.39 -1.00 -16.84
CA PRO A 371 -11.40 -1.00 -16.83
CA PRO A 371 -11.39 -0.83 -17.05
CA PRO A 371 -11.39 -0.82 -17.05
C PRO A 371 -11.43 -2.19 -15.89
C PRO A 371 -11.43 -2.19 -15.87
C PRO A 371 -11.28 -2.06 -16.17
C PRO A 371 -11.28 -2.06 -16.17
N ILE A 372 -12.64 -2.62 -15.59
N ILE A 372 -12.64 -2.63 -15.58
N ILE A 372 -12.44 -2.59 -15.74
N ILE A 372 -12.43 -2.58 -15.73
CA ILE A 372 -12.82 -3.79 -14.69
CA ILE A 372 -12.82 -3.79 -14.69
CA ILE A 372 -12.49 -3.77 -14.82
CA ILE A 372 -12.49 -3.76 -14.81
C ILE A 372 -12.32 -5.07 -15.38
C ILE A 372 -12.33 -5.08 -15.38
C ILE A 372 -11.97 -5.02 -15.49
C ILE A 372 -11.97 -5.02 -15.48
N SER A 373 -12.23 -5.10 -16.74
CA SER A 373 -11.71 -6.18 -17.60
C SER A 373 -11.29 -5.50 -18.88
N THR A 374 -10.36 -6.08 -19.64
CA THR A 374 -9.83 -5.47 -20.81
C THR A 374 -10.98 -5.07 -21.74
N GLY A 375 -11.00 -3.84 -22.20
CA GLY A 375 -11.95 -3.35 -23.14
C GLY A 375 -13.29 -2.86 -22.55
N SER A 376 -13.49 -3.06 -21.24
CA SER A 376 -14.74 -2.66 -20.60
C SER A 376 -14.83 -1.14 -20.52
N SER A 377 -16.01 -0.62 -20.59
CA SER A 377 -16.28 0.80 -20.30
C SER A 377 -16.68 1.03 -18.86
N SER A 378 -16.70 0.01 -18.00
N SER A 378 -16.70 0.00 -18.01
N SER A 378 -16.58 0.03 -18.00
N SER A 378 -16.56 0.02 -18.01
CA SER A 378 -16.81 0.23 -16.56
CA SER A 378 -16.83 0.14 -16.55
CA SER A 378 -16.77 0.22 -16.55
CA SER A 378 -16.81 0.12 -16.56
C SER A 378 -15.39 0.24 -16.00
C SER A 378 -15.41 0.21 -15.99
C SER A 378 -15.40 0.18 -15.88
C SER A 378 -15.45 0.13 -15.86
N CYS A 379 -15.12 1.19 -15.14
N CYS A 379 -15.14 1.19 -15.16
N CYS A 379 -15.12 1.22 -15.12
N CYS A 379 -15.18 1.19 -15.12
CA CYS A 379 -13.81 1.39 -14.51
CA CYS A 379 -13.84 1.39 -14.52
CA CYS A 379 -13.81 1.44 -14.52
CA CYS A 379 -13.85 1.44 -14.53
C CYS A 379 -13.97 1.16 -13.01
C CYS A 379 -13.98 1.15 -13.01
C CYS A 379 -13.83 1.25 -13.01
C CYS A 379 -13.86 1.25 -13.02
N PHE A 380 -12.89 0.68 -12.40
N PHE A 380 -12.90 0.68 -12.39
N PHE A 380 -12.75 0.74 -12.48
N PHE A 380 -12.77 0.75 -12.48
CA PHE A 380 -12.88 0.37 -10.95
CA PHE A 380 -12.88 0.37 -10.96
CA PHE A 380 -12.69 0.35 -11.06
CA PHE A 380 -12.69 0.36 -11.07
C PHE A 380 -12.36 1.57 -10.16
C PHE A 380 -12.36 1.57 -10.16
C PHE A 380 -12.29 1.57 -10.20
C PHE A 380 -12.29 1.56 -10.22
N GLY A 381 -13.06 1.87 -9.09
N GLY A 381 -13.06 1.87 -9.09
N GLY A 381 -13.02 1.82 -9.13
N GLY A 381 -13.01 1.82 -9.14
CA GLY A 381 -12.68 3.01 -8.25
CA GLY A 381 -12.68 3.00 -8.25
CA GLY A 381 -12.72 2.96 -8.26
CA GLY A 381 -12.73 2.96 -8.25
C GLY A 381 -11.54 2.74 -7.28
C GLY A 381 -11.54 2.74 -7.28
C GLY A 381 -11.58 2.72 -7.28
C GLY A 381 -11.58 2.72 -7.28
N GLY A 382 -10.82 3.79 -6.98
N GLY A 382 -10.82 3.79 -6.98
N GLY A 382 -10.82 3.77 -6.99
N GLY A 382 -10.82 3.77 -6.99
CA GLY A 382 -9.69 3.72 -6.06
CA GLY A 382 -9.69 3.72 -6.06
CA GLY A 382 -9.70 3.71 -6.06
CA GLY A 382 -9.70 3.71 -6.06
C GLY A 382 -10.04 4.03 -4.62
C GLY A 382 -10.04 4.03 -4.62
C GLY A 382 -10.04 4.02 -4.62
C GLY A 382 -10.04 4.02 -4.62
N ILE A 383 -11.27 4.44 -4.36
CA ILE A 383 -11.79 4.64 -3.02
C ILE A 383 -12.90 3.61 -2.87
N GLN A 384 -12.84 2.84 -1.79
N GLN A 384 -12.84 2.84 -1.79
N GLN A 384 -12.76 2.74 -1.87
N GLN A 384 -12.76 2.74 -1.87
CA GLN A 384 -13.75 1.70 -1.60
CA GLN A 384 -13.74 1.69 -1.60
CA GLN A 384 -13.71 1.65 -1.63
CA GLN A 384 -13.71 1.65 -1.63
C GLN A 384 -14.10 1.62 -0.13
C GLN A 384 -14.10 1.62 -0.13
C GLN A 384 -14.13 1.66 -0.16
C GLN A 384 -14.13 1.65 -0.16
N SER A 385 -15.23 0.97 0.15
CA SER A 385 -15.69 0.84 1.52
C SER A 385 -14.81 -0.10 2.31
N SER A 386 -14.54 0.27 3.55
CA SER A 386 -13.88 -0.59 4.52
C SER A 386 -14.86 -1.44 5.28
N ALA A 387 -16.13 -1.51 4.88
N ALA A 387 -16.16 -1.24 5.14
N ALA A 387 -16.13 -1.49 4.90
N ALA A 387 -16.16 -1.26 5.14
CA ALA A 387 -17.15 -2.30 5.60
CA ALA A 387 -17.14 -1.90 6.03
CA ALA A 387 -17.16 -2.25 5.62
CA ALA A 387 -17.13 -1.92 6.02
C ALA A 387 -16.83 -3.76 5.39
C ALA A 387 -16.92 -3.42 6.14
C ALA A 387 -16.86 -3.71 5.43
C ALA A 387 -16.88 -3.44 6.15
N GLY A 388 -16.63 -4.47 6.49
N GLY A 388 -16.46 -4.15 5.13
N GLY A 388 -16.67 -4.41 6.54
N GLY A 388 -16.44 -4.18 5.12
CA GLY A 388 -16.32 -5.91 6.47
CA GLY A 388 -16.24 -5.62 5.20
CA GLY A 388 -16.37 -5.84 6.56
CA GLY A 388 -16.20 -5.64 5.21
C GLY A 388 -14.83 -6.15 6.57
C GLY A 388 -14.83 -6.01 5.58
C GLY A 388 -14.89 -6.08 6.71
C GLY A 388 -14.85 -6.02 5.83
N ILE A 389 -14.00 -5.11 6.53
N ILE A 389 -14.04 -5.08 6.20
N ILE A 389 -14.03 -5.08 6.54
N ILE A 389 -13.99 -5.04 6.17
CA ILE A 389 -12.53 -5.26 6.69
CA ILE A 389 -12.61 -5.23 6.64
CA ILE A 389 -12.56 -5.26 6.69
CA ILE A 389 -12.56 -5.21 6.65
C ILE A 389 -12.19 -5.03 8.16
C ILE A 389 -12.44 -5.22 8.17
C ILE A 389 -12.22 -5.04 8.16
C ILE A 389 -12.42 -5.20 8.17
N GLY A 390 -12.99 -4.22 8.87
CA GLY A 390 -12.81 -4.03 10.31
C GLY A 390 -11.81 -2.95 10.61
N ILE A 391 -11.22 -2.30 9.57
CA ILE A 391 -10.31 -1.14 9.75
C ILE A 391 -10.33 -0.31 8.46
N ASN A 392 -10.13 0.97 8.65
CA ASN A 392 -9.94 1.88 7.52
C ASN A 392 -8.48 1.84 7.12
N ILE A 393 -8.22 1.91 5.83
CA ILE A 393 -6.85 1.74 5.32
C ILE A 393 -6.51 2.87 4.38
N PHE A 394 -5.55 3.67 4.77
CA PHE A 394 -4.93 4.70 3.90
C PHE A 394 -3.85 4.00 3.13
N GLY A 395 -4.22 3.36 2.02
CA GLY A 395 -3.31 2.66 1.14
C GLY A 395 -2.67 3.60 0.14
N ASP A 396 -2.10 3.04 -0.88
CA ASP A 396 -1.24 3.77 -1.80
C ASP A 396 -1.97 4.93 -2.48
N VAL A 397 -3.26 4.79 -2.79
CA VAL A 397 -4.02 5.90 -3.38
C VAL A 397 -3.88 7.17 -2.53
N ALA A 398 -4.00 7.03 -1.24
CA ALA A 398 -3.81 8.18 -0.34
C ALA A 398 -2.36 8.53 -0.14
N LEU A 399 -1.52 7.55 0.16
CA LEU A 399 -0.14 7.84 0.53
C LEU A 399 0.63 8.47 -0.59
N LYS A 400 0.37 8.06 -1.85
N LYS A 400 0.35 8.12 -1.85
N LYS A 400 0.36 8.07 -1.85
N LYS A 400 0.34 8.13 -1.85
CA LYS A 400 1.12 8.60 -2.98
CA LYS A 400 1.17 8.66 -2.95
CA LYS A 400 1.13 8.60 -3.00
CA LYS A 400 1.17 8.66 -2.95
C LYS A 400 0.86 10.09 -3.21
C LYS A 400 0.84 10.12 -3.25
C LYS A 400 0.86 10.10 -3.21
C LYS A 400 0.84 10.12 -3.25
N ALA A 401 -0.22 10.64 -2.64
CA ALA A 401 -0.48 12.08 -2.69
C ALA A 401 0.36 12.86 -1.68
N ALA A 402 1.14 12.22 -0.86
CA ALA A 402 1.86 12.89 0.23
C ALA A 402 3.30 12.38 0.31
N PHE A 403 4.11 13.18 1.00
CA PHE A 403 5.36 12.73 1.58
C PHE A 403 5.07 12.28 3.00
N VAL A 404 5.35 11.05 3.33
CA VAL A 404 4.88 10.44 4.59
C VAL A 404 6.09 10.06 5.45
N VAL A 405 6.11 10.56 6.67
CA VAL A 405 7.16 10.24 7.64
C VAL A 405 6.65 9.24 8.64
N PHE A 406 7.31 8.11 8.74
CA PHE A 406 7.02 7.07 9.74
C PHE A 406 8.07 7.25 10.81
N ASN A 407 7.67 7.94 11.89
CA ASN A 407 8.60 8.33 12.98
C ASN A 407 8.57 7.25 14.04
N GLY A 408 9.61 6.46 14.11
CA GLY A 408 9.77 5.34 15.05
C GLY A 408 10.50 5.71 16.32
N ALA A 409 10.48 6.94 16.72
CA ALA A 409 10.94 7.33 18.07
C ALA A 409 10.11 6.62 19.14
N THR A 410 10.61 6.75 20.39
CA THR A 410 10.00 6.09 21.58
C THR A 410 8.47 6.26 21.55
N THR A 411 8.01 7.49 21.30
CA THR A 411 6.57 7.78 21.01
C THR A 411 6.43 7.89 19.49
N PRO A 412 5.99 6.84 18.78
CA PRO A 412 5.85 7.00 17.33
C PRO A 412 4.84 8.03 16.89
N THR A 413 5.08 8.65 15.75
CA THR A 413 4.12 9.54 15.11
C THR A 413 4.18 9.33 13.62
N LEU A 414 3.15 9.79 12.91
N LEU A 414 3.33 10.06 12.94
N LEU A 414 3.15 9.79 12.91
N LEU A 414 3.33 10.06 12.94
CA LEU A 414 3.19 9.91 11.43
CA LEU A 414 3.19 9.93 11.48
CA LEU A 414 3.19 9.91 11.43
CA LEU A 414 3.19 9.93 11.47
C LEU A 414 3.28 11.38 11.06
C LEU A 414 3.06 11.34 10.89
C LEU A 414 3.27 11.38 11.06
C LEU A 414 3.06 11.34 10.89
N GLY A 415 3.95 11.70 9.97
CA GLY A 415 3.90 13.01 9.40
C GLY A 415 3.45 12.99 7.97
N PHE A 416 2.71 13.96 7.55
CA PHE A 416 2.28 14.11 6.16
C PHE A 416 2.59 15.50 5.64
N ALA A 417 3.12 15.58 4.45
CA ALA A 417 3.31 16.84 3.76
C ALA A 417 2.77 16.70 2.35
N SER A 418 2.27 17.75 1.78
N SER A 418 2.36 17.80 1.76
CA SER A 418 2.01 17.78 0.34
CA SER A 418 2.11 17.92 0.31
C SER A 418 3.34 17.79 -0.41
C SER A 418 3.41 17.79 -0.44
N LYS A 419 3.30 17.52 -1.72
CA LYS A 419 4.51 17.44 -2.54
C LYS A 419 4.23 17.79 -3.99
#